data_6O3D
#
_entry.id   6O3D
#
_cell.length_a   87.590
_cell.length_b   96.021
_cell.length_c   67.325
_cell.angle_alpha   90.00
_cell.angle_beta   120.18
_cell.angle_gamma   90.00
#
_symmetry.space_group_name_H-M   'C 1 2 1'
#
loop_
_entity.id
_entity.type
_entity.pdbx_description
1 polymer 'PGZL1 FAB LIGHT CHAIN'
2 polymer 'PGZL1 FAB HEAVY CHAIN'
3 non-polymer GLYCEROL
4 non-polymer 'SULFATE ION'
5 water water
#
loop_
_entity_poly.entity_id
_entity_poly.type
_entity_poly.pdbx_seq_one_letter_code
_entity_poly.pdbx_strand_id
1 'polypeptide(L)'
;DVVMTQSPGTLSLSPGERATLSCRASQSVSGGALAWYQQKPGQAPRLLIYDTSSRPTGVPGRFSGSGSGTDFSLTISRLE
PEDFAVYYCQQYGTSQSTFGQGTRLEIKRTVAAPSVFIFPPSDEQLKSGTASVVCLLNNFYPREAKVQWKVDNALQSGNS
QESVTEQDSKDSTYSLSSTLTLSKADYEKHKVYACEVTHQGLSSPVTKSFNRGEC
;
L
2 'polypeptide(L)'
;EVQLVQSGGEVKRPGSSVTVSCKATGGTFSTLAFNWVRQAPGQGPEWMGGIVPLFSIVNYGQKFQGRLTIRADKSTTTVF
LDLSGLTSADTATYYCAREGEGWFGKPLRAFEFWGQGTVITVSSASTKGPSVFPLAPSSKSTSGGTAALGCLVKDYFPEP
VTVSWNSGALTSGVHTFPAVLQSSGLYSLSSVVTVPSSSLGTQTYICNVNHKPSNTKVDKKVEPKSC
;
H
#
# COMPACT_ATOMS: atom_id res chain seq x y z
N ASP A 1 -7.17 1.20 26.50
CA ASP A 1 -7.13 1.18 25.03
C ASP A 1 -7.61 -0.18 24.49
N VAL A 2 -8.83 -0.22 23.94
CA VAL A 2 -9.39 -1.48 23.45
C VAL A 2 -8.62 -1.92 22.23
N VAL A 3 -8.11 -3.14 22.27
CA VAL A 3 -7.33 -3.73 21.19
C VAL A 3 -8.24 -4.65 20.39
N MET A 4 -8.26 -4.47 19.08
CA MET A 4 -9.03 -5.30 18.17
C MET A 4 -8.07 -6.21 17.42
N THR A 5 -8.31 -7.52 17.49
CA THR A 5 -7.46 -8.50 16.83
C THR A 5 -8.29 -9.25 15.81
N GLN A 6 -7.91 -9.15 14.54
CA GLN A 6 -8.64 -9.83 13.47
C GLN A 6 -7.96 -11.13 13.11
N SER A 7 -8.75 -12.08 12.59
N SER A 7 -8.76 -12.10 12.64
CA SER A 7 -8.23 -13.39 12.21
CA SER A 7 -8.24 -13.40 12.21
C SER A 7 -9.03 -13.87 11.01
C SER A 7 -9.03 -13.84 10.97
N PRO A 8 -8.38 -14.53 10.03
CA PRO A 8 -6.91 -14.74 9.97
C PRO A 8 -6.25 -13.48 9.41
N GLY A 9 -4.91 -13.35 9.45
CA GLY A 9 -4.24 -12.25 8.74
C GLY A 9 -4.52 -12.25 7.24
N THR A 10 -4.43 -13.41 6.61
CA THR A 10 -4.75 -13.55 5.20
C THR A 10 -5.77 -14.67 5.11
N LEU A 11 -6.85 -14.40 4.38
CA LEU A 11 -7.89 -15.40 4.15
C LEU A 11 -7.87 -15.65 2.66
N SER A 12 -7.58 -16.91 2.25
CA SER A 12 -7.42 -17.23 0.83
C SER A 12 -8.60 -18.12 0.46
N LEU A 13 -9.45 -17.65 -0.45
CA LEU A 13 -10.67 -18.38 -0.77
C LEU A 13 -10.95 -18.31 -2.25
N SER A 14 -11.88 -19.10 -2.66
CA SER A 14 -12.15 -19.22 -4.07
C SER A 14 -13.32 -18.33 -4.43
N PRO A 15 -13.30 -17.77 -5.63
CA PRO A 15 -14.49 -17.05 -6.10
C PRO A 15 -15.72 -17.95 -6.01
N GLY A 16 -16.82 -17.35 -5.52
CA GLY A 16 -18.10 -17.99 -5.33
C GLY A 16 -18.29 -18.69 -4.00
N GLU A 17 -17.24 -18.83 -3.19
CA GLU A 17 -17.26 -19.53 -1.92
C GLU A 17 -17.76 -18.59 -0.81
N ARG A 18 -18.21 -19.17 0.30
N ARG A 18 -18.19 -19.18 0.30
CA ARG A 18 -18.56 -18.40 1.48
CA ARG A 18 -18.56 -18.43 1.50
C ARG A 18 -17.31 -18.02 2.28
C ARG A 18 -17.31 -18.04 2.30
N ALA A 19 -17.33 -16.82 2.87
CA ALA A 19 -16.18 -16.28 3.63
C ALA A 19 -16.64 -15.85 5.01
N THR A 20 -15.83 -16.16 6.02
N THR A 20 -15.90 -16.25 6.04
CA THR A 20 -16.12 -15.80 7.40
CA THR A 20 -16.18 -15.72 7.38
C THR A 20 -14.89 -15.16 8.00
C THR A 20 -14.91 -15.13 7.94
N LEU A 21 -15.01 -13.90 8.44
CA LEU A 21 -13.88 -13.16 8.99
C LEU A 21 -14.16 -12.90 10.45
N SER A 22 -13.13 -12.93 11.29
N SER A 22 -13.14 -13.00 11.30
CA SER A 22 -13.29 -12.80 12.74
CA SER A 22 -13.33 -12.91 12.73
C SER A 22 -12.62 -11.54 13.28
C SER A 22 -12.64 -11.67 13.29
N CYS A 23 -13.15 -11.04 14.39
N CYS A 23 -13.22 -11.14 14.36
CA CYS A 23 -12.62 -9.88 15.10
CA CYS A 23 -12.65 -10.06 15.13
C CYS A 23 -12.93 -10.05 16.59
C CYS A 23 -12.89 -10.36 16.60
N ARG A 24 -11.89 -10.10 17.43
CA ARG A 24 -12.05 -10.20 18.89
C ARG A 24 -11.54 -8.95 19.57
N ALA A 25 -12.31 -8.45 20.53
CA ALA A 25 -11.94 -7.27 21.30
C ALA A 25 -11.31 -7.69 22.63
N SER A 26 -10.31 -6.93 23.09
CA SER A 26 -9.66 -7.21 24.37
C SER A 26 -10.57 -6.94 25.55
N GLN A 27 -11.69 -6.24 25.36
CA GLN A 27 -12.70 -6.13 26.41
C GLN A 27 -14.06 -5.98 25.74
N SER A 28 -15.12 -6.23 26.51
CA SER A 28 -16.44 -6.24 25.90
C SER A 28 -16.73 -4.90 25.23
N VAL A 29 -17.29 -4.96 24.04
CA VAL A 29 -17.62 -3.78 23.27
C VAL A 29 -18.98 -3.27 23.75
N SER A 30 -19.03 -2.00 24.16
CA SER A 30 -20.25 -1.44 24.73
C SER A 30 -21.26 -1.16 23.63
N GLY A 31 -22.53 -1.50 23.92
CA GLY A 31 -23.62 -1.23 23.00
C GLY A 31 -23.49 -1.85 21.63
N GLY A 32 -22.78 -2.97 21.50
CA GLY A 32 -22.63 -3.61 20.20
C GLY A 32 -22.00 -2.73 19.15
N ALA A 33 -21.17 -1.75 19.57
CA ALA A 33 -20.61 -0.69 18.72
C ALA A 33 -19.39 -1.23 17.97
N LEU A 34 -19.68 -2.04 16.96
CA LEU A 34 -18.71 -2.77 16.17
C LEU A 34 -19.08 -2.57 14.70
N ALA A 35 -18.10 -2.12 13.92
CA ALA A 35 -18.30 -1.90 12.49
C ALA A 35 -17.28 -2.66 11.66
N TRP A 36 -17.65 -2.99 10.41
CA TRP A 36 -16.74 -3.61 9.46
C TRP A 36 -16.59 -2.71 8.23
N TYR A 37 -15.36 -2.64 7.71
CA TYR A 37 -15.05 -1.84 6.54
C TYR A 37 -14.30 -2.71 5.54
N GLN A 38 -14.49 -2.37 4.28
CA GLN A 38 -13.75 -2.97 3.19
C GLN A 38 -12.86 -1.90 2.54
N GLN A 39 -11.63 -2.28 2.17
CA GLN A 39 -10.78 -1.29 1.51
C GLN A 39 -10.04 -1.90 0.34
N LYS A 40 -10.18 -1.28 -0.82
N LYS A 40 -10.14 -1.26 -0.79
CA LYS A 40 -9.43 -1.66 -2.02
CA LYS A 40 -9.44 -1.64 -2.01
C LYS A 40 -8.28 -0.71 -2.22
C LYS A 40 -8.25 -0.70 -2.20
N PRO A 41 -7.23 -1.14 -2.92
CA PRO A 41 -6.03 -0.32 -3.07
C PRO A 41 -6.31 1.07 -3.60
N GLY A 42 -5.75 2.05 -2.90
CA GLY A 42 -5.86 3.44 -3.25
C GLY A 42 -7.15 4.13 -2.90
N GLN A 43 -8.17 3.41 -2.41
CA GLN A 43 -9.47 3.98 -2.08
C GLN A 43 -9.68 4.13 -0.57
N ALA A 44 -10.59 5.02 -0.21
CA ALA A 44 -10.99 5.09 1.19
C ALA A 44 -11.68 3.79 1.62
N PRO A 45 -11.68 3.48 2.91
CA PRO A 45 -12.53 2.37 3.38
C PRO A 45 -13.99 2.64 3.08
N ARG A 46 -14.75 1.53 3.00
CA ARG A 46 -16.19 1.56 2.79
C ARG A 46 -16.86 0.82 3.92
N LEU A 47 -17.82 1.47 4.58
CA LEU A 47 -18.57 0.84 5.67
C LEU A 47 -19.49 -0.26 5.13
N LEU A 48 -19.35 -1.48 5.63
CA LEU A 48 -20.21 -2.59 5.23
C LEU A 48 -21.27 -2.92 6.27
N ILE A 49 -20.91 -2.83 7.55
CA ILE A 49 -21.77 -3.23 8.66
C ILE A 49 -21.49 -2.28 9.83
N TYR A 50 -22.55 -1.86 10.49
CA TYR A 50 -22.46 -1.05 11.70
C TYR A 50 -23.34 -1.67 12.77
N ASP A 51 -23.08 -1.28 14.02
CA ASP A 51 -23.82 -1.79 15.18
C ASP A 51 -23.96 -3.30 15.09
N THR A 52 -22.82 -3.97 14.84
CA THR A 52 -22.70 -5.45 14.77
C THR A 52 -23.31 -6.10 13.53
N SER A 53 -24.55 -5.73 13.18
CA SER A 53 -25.31 -6.51 12.21
C SER A 53 -26.06 -5.68 11.18
N SER A 54 -26.04 -4.35 11.27
CA SER A 54 -26.88 -3.54 10.38
C SER A 54 -26.12 -3.18 9.12
N ARG A 55 -26.78 -3.34 7.97
N ARG A 55 -26.80 -3.24 7.97
CA ARG A 55 -26.19 -2.93 6.71
CA ARG A 55 -26.13 -2.99 6.70
C ARG A 55 -26.66 -1.53 6.34
C ARG A 55 -26.63 -1.66 6.12
N PRO A 56 -25.74 -0.68 5.88
CA PRO A 56 -26.17 0.59 5.30
C PRO A 56 -26.84 0.38 3.95
N THR A 57 -27.59 1.38 3.52
CA THR A 57 -28.17 1.30 2.19
C THR A 57 -27.05 1.29 1.16
N GLY A 58 -27.21 0.48 0.14
CA GLY A 58 -26.19 0.34 -0.87
C GLY A 58 -25.23 -0.81 -0.67
N VAL A 59 -25.22 -1.45 0.50
CA VAL A 59 -24.32 -2.58 0.70
C VAL A 59 -25.09 -3.84 0.29
N PRO A 60 -24.53 -4.71 -0.55
CA PRO A 60 -25.29 -5.89 -1.00
C PRO A 60 -25.64 -6.81 0.15
N GLY A 61 -26.76 -7.51 0.00
CA GLY A 61 -27.21 -8.41 1.06
C GLY A 61 -26.32 -9.62 1.29
N ARG A 62 -25.36 -9.91 0.42
CA ARG A 62 -24.46 -11.01 0.73
C ARG A 62 -23.56 -10.74 1.94
N PHE A 63 -23.49 -9.50 2.43
CA PHE A 63 -22.67 -9.17 3.59
C PHE A 63 -23.54 -9.20 4.83
N SER A 64 -23.06 -9.87 5.87
CA SER A 64 -23.82 -9.86 7.12
C SER A 64 -22.86 -9.88 8.29
N GLY A 65 -23.31 -9.38 9.42
CA GLY A 65 -22.47 -9.34 10.61
C GLY A 65 -23.22 -9.91 11.79
N SER A 66 -22.45 -10.47 12.71
N SER A 66 -22.44 -10.47 12.71
CA SER A 66 -23.06 -10.97 13.93
CA SER A 66 -23.01 -11.06 13.91
C SER A 66 -22.01 -10.95 15.04
C SER A 66 -22.00 -10.94 15.04
N GLY A 67 -22.46 -11.22 16.25
CA GLY A 67 -21.58 -11.22 17.39
C GLY A 67 -22.12 -10.38 18.53
N SER A 68 -21.36 -10.37 19.60
CA SER A 68 -21.76 -9.71 20.82
C SER A 68 -20.57 -9.82 21.78
N GLY A 69 -20.51 -8.91 22.74
CA GLY A 69 -19.47 -9.01 23.76
C GLY A 69 -18.09 -8.77 23.21
N THR A 70 -17.25 -9.82 23.17
CA THR A 70 -15.90 -9.68 22.62
C THR A 70 -15.69 -10.39 21.29
N ASP A 71 -16.68 -11.09 20.73
CA ASP A 71 -16.41 -11.85 19.51
C ASP A 71 -17.41 -11.57 18.40
N PHE A 72 -16.88 -11.15 17.23
CA PHE A 72 -17.70 -10.69 16.13
C PHE A 72 -17.26 -11.29 14.81
N SER A 73 -18.20 -11.41 13.88
N SER A 73 -18.18 -11.40 13.87
CA SER A 73 -17.91 -12.01 12.59
CA SER A 73 -17.76 -11.97 12.60
C SER A 73 -18.52 -11.19 11.47
C SER A 73 -18.56 -11.38 11.44
N LEU A 74 -17.87 -11.23 10.31
CA LEU A 74 -18.43 -10.75 9.07
C LEU A 74 -18.51 -11.96 8.15
N THR A 75 -19.68 -12.18 7.57
CA THR A 75 -19.88 -13.29 6.63
C THR A 75 -20.22 -12.72 5.27
N ILE A 76 -19.60 -13.29 4.23
CA ILE A 76 -19.92 -12.98 2.84
C ILE A 76 -20.43 -14.28 2.24
N SER A 77 -21.69 -14.27 1.80
CA SER A 77 -22.35 -15.55 1.48
C SER A 77 -21.78 -16.20 0.23
N ARG A 78 -21.31 -15.41 -0.73
N ARG A 78 -21.34 -15.40 -0.73
CA ARG A 78 -20.55 -15.91 -1.86
CA ARG A 78 -20.57 -15.86 -1.87
C ARG A 78 -19.66 -14.80 -2.38
C ARG A 78 -19.59 -14.76 -2.20
N LEU A 79 -18.41 -15.13 -2.69
CA LEU A 79 -17.38 -14.14 -3.01
C LEU A 79 -17.45 -13.74 -4.48
N GLU A 80 -17.87 -12.52 -4.73
CA GLU A 80 -17.84 -11.98 -6.07
C GLU A 80 -16.45 -11.42 -6.32
N PRO A 81 -16.08 -11.22 -7.59
CA PRO A 81 -14.70 -10.78 -7.86
C PRO A 81 -14.38 -9.50 -7.14
N GLU A 82 -15.37 -8.61 -7.00
CA GLU A 82 -15.14 -7.33 -6.33
C GLU A 82 -14.96 -7.45 -4.83
N ASP A 83 -15.10 -8.63 -4.22
CA ASP A 83 -15.04 -8.74 -2.76
C ASP A 83 -13.65 -9.07 -2.23
N PHE A 84 -12.70 -9.32 -3.10
CA PHE A 84 -11.33 -9.56 -2.68
C PHE A 84 -10.69 -8.21 -2.39
N ALA A 85 -10.31 -7.98 -1.15
CA ALA A 85 -10.00 -6.64 -0.64
C ALA A 85 -9.46 -6.86 0.77
N VAL A 86 -9.10 -5.77 1.45
CA VAL A 86 -8.73 -5.85 2.86
C VAL A 86 -9.92 -5.44 3.69
N TYR A 87 -10.13 -6.14 4.81
CA TYR A 87 -11.28 -5.86 5.67
C TYR A 87 -10.77 -5.49 7.06
N TYR A 88 -11.35 -4.44 7.64
CA TYR A 88 -11.02 -4.01 9.00
C TYR A 88 -12.28 -4.01 9.86
N CYS A 89 -12.13 -4.42 11.09
N CYS A 89 -12.07 -4.33 11.12
CA CYS A 89 -13.18 -4.13 12.06
CA CYS A 89 -13.08 -4.18 12.14
C CYS A 89 -12.80 -2.89 12.86
C CYS A 89 -12.75 -2.97 13.00
N GLN A 90 -13.79 -2.35 13.58
CA GLN A 90 -13.59 -1.13 14.34
C GLN A 90 -14.54 -1.16 15.52
N GLN A 91 -14.03 -0.91 16.73
CA GLN A 91 -14.91 -0.69 17.86
C GLN A 91 -14.99 0.79 18.11
N TYR A 92 -16.20 1.25 18.43
CA TYR A 92 -16.43 2.66 18.71
C TYR A 92 -17.36 2.81 19.92
N GLY A 93 -17.35 1.82 20.80
CA GLY A 93 -18.11 1.91 22.05
C GLY A 93 -17.50 2.80 23.10
N THR A 94 -16.19 3.05 23.03
CA THR A 94 -15.53 4.02 23.90
C THR A 94 -15.31 5.32 23.14
N SER A 95 -14.79 6.32 23.85
CA SER A 95 -14.54 7.63 23.22
C SER A 95 -13.23 7.66 22.44
N GLN A 96 -12.47 6.57 22.43
CA GLN A 96 -11.27 6.45 21.60
C GLN A 96 -11.46 5.19 20.75
N SER A 97 -11.94 5.40 19.53
N SER A 97 -11.99 5.38 19.54
CA SER A 97 -12.18 4.30 18.62
CA SER A 97 -12.22 4.22 18.69
C SER A 97 -10.88 3.68 18.12
C SER A 97 -10.92 3.68 18.13
N THR A 98 -10.91 2.37 17.88
CA THR A 98 -9.74 1.67 17.35
C THR A 98 -10.16 0.69 16.26
N PHE A 99 -9.22 0.45 15.35
CA PHE A 99 -9.40 -0.47 14.23
C PHE A 99 -8.56 -1.71 14.47
N GLY A 100 -9.01 -2.84 13.95
CA GLY A 100 -8.15 -4.02 13.88
C GLY A 100 -7.08 -3.82 12.83
N GLN A 101 -6.20 -4.82 12.74
CA GLN A 101 -5.03 -4.73 11.85
C GLN A 101 -5.33 -5.18 10.43
N GLY A 102 -6.52 -5.68 10.17
CA GLY A 102 -6.93 -6.03 8.81
C GLY A 102 -6.78 -7.52 8.52
N THR A 103 -7.70 -8.03 7.70
CA THR A 103 -7.58 -9.34 7.06
C THR A 103 -7.55 -9.12 5.55
N ARG A 104 -6.47 -9.58 4.90
N ARG A 104 -6.54 -9.66 4.89
CA ARG A 104 -6.39 -9.59 3.44
CA ARG A 104 -6.41 -9.54 3.45
C ARG A 104 -7.19 -10.78 2.93
C ARG A 104 -7.10 -10.75 2.80
N LEU A 105 -8.25 -10.52 2.16
CA LEU A 105 -9.01 -11.61 1.53
C LEU A 105 -8.58 -11.63 0.07
N GLU A 106 -7.91 -12.71 -0.32
CA GLU A 106 -7.33 -12.84 -1.66
C GLU A 106 -7.83 -14.12 -2.30
N ILE A 107 -7.52 -14.23 -3.58
CA ILE A 107 -7.98 -15.38 -4.38
C ILE A 107 -7.04 -16.56 -4.18
N LYS A 108 -7.61 -17.71 -3.82
CA LYS A 108 -6.85 -18.95 -3.76
CA LYS A 108 -6.84 -18.94 -3.76
C LYS A 108 -6.73 -19.55 -5.16
N ARG A 109 -5.52 -19.90 -5.56
CA ARG A 109 -5.29 -20.58 -6.83
C ARG A 109 -4.24 -21.65 -6.62
N THR A 110 -3.99 -22.43 -7.68
CA THR A 110 -3.01 -23.50 -7.62
C THR A 110 -1.63 -22.94 -7.28
N VAL A 111 -0.90 -23.64 -6.42
CA VAL A 111 0.48 -23.27 -6.11
C VAL A 111 1.30 -23.07 -7.39
N ALA A 112 2.05 -21.97 -7.42
CA ALA A 112 2.96 -21.69 -8.54
C ALA A 112 4.28 -21.24 -7.95
N ALA A 113 5.35 -21.94 -8.28
CA ALA A 113 6.68 -21.56 -7.81
C ALA A 113 7.13 -20.33 -8.58
N PRO A 114 7.89 -19.45 -7.94
CA PRO A 114 8.41 -18.29 -8.66
C PRO A 114 9.48 -18.70 -9.63
N SER A 115 9.54 -17.96 -10.73
N SER A 115 9.54 -17.99 -10.75
CA SER A 115 10.74 -17.94 -11.55
CA SER A 115 10.77 -18.01 -11.53
C SER A 115 11.65 -16.88 -10.97
C SER A 115 11.65 -16.90 -11.00
N VAL A 116 12.91 -17.23 -10.76
CA VAL A 116 13.84 -16.38 -10.03
C VAL A 116 14.93 -15.86 -10.96
N PHE A 117 15.25 -14.56 -10.84
CA PHE A 117 16.27 -13.95 -11.69
C PHE A 117 17.10 -13.03 -10.83
N ILE A 118 18.41 -13.03 -11.03
CA ILE A 118 19.31 -12.10 -10.34
C ILE A 118 19.94 -11.15 -11.34
N PHE A 119 20.03 -9.87 -10.97
CA PHE A 119 20.62 -8.85 -11.84
C PHE A 119 21.79 -8.17 -11.14
N PRO A 120 22.98 -8.20 -11.72
CA PRO A 120 24.09 -7.45 -11.14
C PRO A 120 23.89 -5.97 -11.33
N PRO A 121 24.62 -5.14 -10.60
CA PRO A 121 24.60 -3.69 -10.86
C PRO A 121 25.19 -3.40 -12.21
N SER A 122 24.68 -2.35 -12.86
CA SER A 122 25.22 -1.86 -14.12
C SER A 122 26.56 -1.18 -13.88
N ASP A 123 27.43 -1.25 -14.89
CA ASP A 123 28.67 -0.49 -14.82
C ASP A 123 28.39 1.00 -14.65
N GLU A 124 27.29 1.48 -15.24
CA GLU A 124 26.95 2.91 -15.12
C GLU A 124 26.68 3.28 -13.67
N GLN A 125 25.87 2.46 -12.99
CA GLN A 125 25.58 2.78 -11.60
C GLN A 125 26.83 2.67 -10.74
N LEU A 126 27.72 1.72 -11.02
CA LEU A 126 28.91 1.65 -10.18
C LEU A 126 29.67 2.98 -10.15
N LYS A 127 29.59 3.80 -11.20
CA LYS A 127 30.26 5.09 -11.18
C LYS A 127 29.62 6.07 -10.21
N SER A 128 28.42 5.81 -9.80
CA SER A 128 27.80 6.68 -8.83
C SER A 128 28.29 6.39 -7.43
N GLY A 129 29.08 5.32 -7.24
CA GLY A 129 29.52 4.93 -5.88
C GLY A 129 28.64 3.94 -5.14
N THR A 130 27.55 3.47 -5.75
CA THR A 130 26.61 2.53 -5.13
C THR A 130 26.39 1.36 -6.05
N ALA A 131 26.17 0.19 -5.47
CA ALA A 131 25.81 -1.01 -6.23
C ALA A 131 24.44 -1.50 -5.76
N SER A 132 23.48 -1.56 -6.65
CA SER A 132 22.22 -2.22 -6.33
C SER A 132 22.19 -3.57 -7.02
N VAL A 133 21.90 -4.62 -6.27
CA VAL A 133 21.76 -5.97 -6.84
C VAL A 133 20.29 -6.33 -6.68
N VAL A 134 19.65 -6.81 -7.75
CA VAL A 134 18.20 -7.00 -7.71
C VAL A 134 17.90 -8.48 -7.89
N CYS A 135 16.98 -8.99 -7.09
CA CYS A 135 16.46 -10.33 -7.29
C CYS A 135 14.97 -10.24 -7.57
N LEU A 136 14.54 -10.89 -8.63
CA LEU A 136 13.14 -10.91 -9.03
C LEU A 136 12.55 -12.31 -8.82
N LEU A 137 11.39 -12.36 -8.17
CA LEU A 137 10.57 -13.56 -8.05
C LEU A 137 9.30 -13.29 -8.86
N ASN A 138 9.10 -14.04 -9.94
CA ASN A 138 8.06 -13.72 -10.90
C ASN A 138 6.90 -14.72 -10.79
N ASN A 139 5.68 -14.20 -10.68
CA ASN A 139 4.43 -14.97 -10.91
C ASN A 139 4.32 -16.22 -10.03
N PHE A 140 4.26 -15.97 -8.73
CA PHE A 140 4.18 -17.07 -7.78
C PHE A 140 2.91 -17.01 -6.94
N TYR A 141 2.58 -18.12 -6.29
CA TYR A 141 1.40 -18.16 -5.41
C TYR A 141 1.66 -19.35 -4.48
N PRO A 142 1.47 -19.22 -3.15
CA PRO A 142 0.89 -18.07 -2.44
C PRO A 142 1.91 -16.95 -2.26
N ARG A 143 1.46 -15.90 -1.59
CA ARG A 143 2.26 -14.66 -1.51
C ARG A 143 3.46 -14.77 -0.60
N GLU A 144 3.43 -15.66 0.38
CA GLU A 144 4.53 -15.80 1.32
CA GLU A 144 4.54 -15.77 1.31
C GLU A 144 5.77 -16.32 0.60
N ALA A 145 6.89 -15.58 0.70
CA ALA A 145 8.13 -16.04 0.10
C ALA A 145 9.26 -15.51 0.95
N LYS A 146 10.38 -16.25 0.99
CA LYS A 146 11.53 -15.80 1.76
C LYS A 146 12.68 -15.60 0.79
N VAL A 147 13.29 -14.42 0.86
CA VAL A 147 14.42 -14.10 0.01
C VAL A 147 15.59 -13.79 0.94
N GLN A 148 16.68 -14.54 0.79
CA GLN A 148 17.89 -14.27 1.55
C GLN A 148 19.02 -13.90 0.61
N TRP A 149 19.74 -12.83 0.93
CA TRP A 149 20.90 -12.44 0.17
C TRP A 149 22.14 -12.98 0.85
N LYS A 150 23.04 -13.58 0.06
CA LYS A 150 24.30 -14.06 0.60
C LYS A 150 25.41 -13.50 -0.26
N VAL A 151 26.43 -12.92 0.38
CA VAL A 151 27.59 -12.36 -0.30
C VAL A 151 28.79 -13.13 0.22
N ASP A 152 29.47 -13.85 -0.66
CA ASP A 152 30.58 -14.72 -0.23
C ASP A 152 30.16 -15.58 0.96
N ASN A 153 28.95 -16.15 0.87
CA ASN A 153 28.40 -17.07 1.83
C ASN A 153 27.91 -16.36 3.10
N ALA A 154 28.01 -15.05 3.24
CA ALA A 154 27.57 -14.35 4.45
C ALA A 154 26.14 -13.87 4.29
N LEU A 155 25.24 -14.30 5.18
CA LEU A 155 23.86 -13.84 5.12
C LEU A 155 23.82 -12.34 5.40
N GLN A 156 23.18 -11.60 4.51
CA GLN A 156 23.05 -10.16 4.65
C GLN A 156 21.82 -9.80 5.50
N SER A 157 21.95 -8.78 6.31
CA SER A 157 20.79 -8.26 7.04
CA SER A 157 20.83 -8.27 7.08
C SER A 157 20.88 -6.74 7.10
N GLY A 158 19.73 -6.08 6.97
CA GLY A 158 19.70 -4.66 7.14
C GLY A 158 19.94 -3.85 5.89
N ASN A 159 20.40 -4.47 4.82
CA ASN A 159 20.78 -3.74 3.63
C ASN A 159 19.97 -4.13 2.41
N SER A 160 18.74 -4.63 2.59
CA SER A 160 17.86 -4.92 1.48
C SER A 160 16.47 -4.36 1.75
N GLN A 161 15.76 -4.11 0.66
CA GLN A 161 14.35 -3.75 0.74
C GLN A 161 13.57 -4.51 -0.34
N GLU A 162 12.30 -4.78 -0.10
CA GLU A 162 11.54 -5.49 -1.10
C GLU A 162 10.19 -4.88 -1.27
N SER A 163 9.58 -5.20 -2.41
CA SER A 163 8.18 -4.87 -2.58
CA SER A 163 8.22 -4.77 -2.74
C SER A 163 7.51 -5.90 -3.47
N VAL A 164 6.18 -5.92 -3.38
N VAL A 164 6.20 -5.95 -3.33
CA VAL A 164 5.34 -7.01 -3.88
CA VAL A 164 5.43 -6.98 -4.01
C VAL A 164 4.19 -6.39 -4.67
C VAL A 164 4.29 -6.33 -4.74
N THR A 165 3.92 -6.93 -5.86
CA THR A 165 2.79 -6.42 -6.63
C THR A 165 1.44 -6.87 -6.03
N GLU A 166 0.38 -6.20 -6.47
CA GLU A 166 -0.96 -6.65 -6.15
C GLU A 166 -1.24 -7.97 -6.86
N GLN A 167 -2.15 -8.75 -6.31
CA GLN A 167 -2.52 -10.01 -6.93
C GLN A 167 -2.97 -9.79 -8.35
N ASP A 168 -2.40 -10.57 -9.29
CA ASP A 168 -2.59 -10.25 -10.70
C ASP A 168 -4.04 -10.48 -11.14
N SER A 169 -4.60 -9.53 -11.88
CA SER A 169 -6.02 -9.62 -12.25
C SER A 169 -6.32 -10.76 -13.22
N LYS A 170 -5.36 -11.24 -14.00
CA LYS A 170 -5.60 -12.36 -14.92
C LYS A 170 -5.23 -13.73 -14.35
N ASP A 171 -4.09 -13.84 -13.66
CA ASP A 171 -3.62 -15.16 -13.24
C ASP A 171 -3.52 -15.33 -11.73
N SER A 172 -3.86 -14.29 -10.95
CA SER A 172 -3.95 -14.41 -9.50
C SER A 172 -2.63 -14.71 -8.82
N THR A 173 -1.51 -14.42 -9.47
CA THR A 173 -0.19 -14.59 -8.85
C THR A 173 0.34 -13.24 -8.31
N TYR A 174 1.46 -13.35 -7.62
CA TYR A 174 2.22 -12.20 -7.12
C TYR A 174 3.60 -12.21 -7.73
N SER A 175 4.24 -11.05 -7.76
CA SER A 175 5.67 -10.95 -8.05
C SER A 175 6.33 -10.07 -7.00
N LEU A 176 7.62 -10.28 -6.82
CA LEU A 176 8.35 -9.62 -5.74
C LEU A 176 9.72 -9.22 -6.25
N SER A 177 10.18 -8.03 -5.85
N SER A 177 10.14 -8.00 -5.93
CA SER A 177 11.49 -7.49 -6.21
CA SER A 177 11.53 -7.66 -6.13
C SER A 177 12.23 -7.14 -4.92
C SER A 177 12.16 -7.45 -4.77
N SER A 178 13.44 -7.72 -4.72
CA SER A 178 14.27 -7.40 -3.56
C SER A 178 15.55 -6.75 -4.06
N THR A 179 15.95 -5.66 -3.43
CA THR A 179 17.15 -4.92 -3.84
C THR A 179 18.11 -4.92 -2.69
N LEU A 180 19.33 -5.39 -2.95
CA LEU A 180 20.43 -5.34 -1.99
C LEU A 180 21.27 -4.13 -2.36
N THR A 181 21.50 -3.21 -1.41
CA THR A 181 22.26 -2.01 -1.72
C THR A 181 23.58 -2.01 -0.94
N LEU A 182 24.68 -1.88 -1.67
CA LEU A 182 26.01 -1.82 -1.10
C LEU A 182 26.77 -0.60 -1.63
N SER A 183 27.73 -0.09 -0.84
CA SER A 183 28.65 0.87 -1.44
C SER A 183 29.48 0.17 -2.52
N LYS A 184 29.97 0.96 -3.48
CA LYS A 184 30.84 0.36 -4.49
C LYS A 184 32.04 -0.28 -3.85
N ALA A 185 32.61 0.34 -2.81
CA ALA A 185 33.81 -0.23 -2.23
C ALA A 185 33.51 -1.59 -1.59
N ASP A 186 32.36 -1.70 -0.90
CA ASP A 186 32.01 -2.99 -0.32
C ASP A 186 31.71 -4.01 -1.43
N TYR A 187 31.01 -3.58 -2.49
CA TYR A 187 30.72 -4.49 -3.60
C TYR A 187 32.00 -5.07 -4.20
N GLU A 188 33.04 -4.25 -4.36
CA GLU A 188 34.24 -4.77 -4.99
CA GLU A 188 34.30 -4.68 -4.97
C GLU A 188 35.14 -5.54 -4.05
N LYS A 189 34.81 -5.59 -2.76
CA LYS A 189 35.52 -6.43 -1.81
C LYS A 189 35.12 -7.90 -1.89
N HIS A 190 34.02 -8.27 -2.57
CA HIS A 190 33.50 -9.63 -2.53
C HIS A 190 33.24 -10.16 -3.92
N LYS A 191 33.10 -11.49 -4.01
CA LYS A 191 33.06 -12.16 -5.30
C LYS A 191 31.69 -12.71 -5.65
N VAL A 192 31.10 -13.53 -4.79
CA VAL A 192 29.89 -14.27 -5.17
C VAL A 192 28.65 -13.60 -4.54
N TYR A 193 27.70 -13.22 -5.39
CA TYR A 193 26.47 -12.56 -4.96
C TYR A 193 25.32 -13.52 -5.27
N ALA A 194 24.49 -13.83 -4.26
CA ALA A 194 23.48 -14.84 -4.43
C ALA A 194 22.19 -14.44 -3.74
N CYS A 195 21.07 -14.72 -4.41
CA CYS A 195 19.79 -14.63 -3.74
CA CYS A 195 19.74 -14.61 -3.85
C CYS A 195 19.17 -16.01 -3.66
N GLU A 196 18.74 -16.35 -2.46
CA GLU A 196 18.21 -17.67 -2.17
C GLU A 196 16.74 -17.56 -1.80
N VAL A 197 15.91 -18.33 -2.49
CA VAL A 197 14.46 -18.19 -2.44
C VAL A 197 13.85 -19.46 -1.90
N THR A 198 13.05 -19.32 -0.85
N THR A 198 13.05 -19.33 -0.86
CA THR A 198 12.26 -20.41 -0.31
CA THR A 198 12.25 -20.46 -0.41
C THR A 198 10.78 -20.08 -0.54
C THR A 198 10.79 -20.10 -0.53
N HIS A 199 10.00 -21.07 -0.99
CA HIS A 199 8.62 -20.86 -1.32
C HIS A 199 7.93 -22.21 -1.35
N GLN A 200 6.64 -22.22 -1.01
N GLN A 200 6.63 -22.20 -1.00
CA GLN A 200 5.92 -23.50 -0.93
CA GLN A 200 5.83 -23.42 -0.94
C GLN A 200 5.93 -24.26 -2.25
C GLN A 200 5.93 -24.22 -2.23
N GLY A 201 6.03 -23.56 -3.37
CA GLY A 201 6.10 -24.24 -4.65
C GLY A 201 7.47 -24.78 -5.04
N LEU A 202 8.49 -24.57 -4.22
CA LEU A 202 9.85 -25.05 -4.52
C LEU A 202 10.18 -26.21 -3.61
N SER A 203 10.63 -27.31 -4.19
CA SER A 203 10.86 -28.49 -3.38
C SER A 203 12.08 -28.33 -2.50
N SER A 204 13.01 -27.48 -2.91
CA SER A 204 14.10 -27.05 -2.06
C SER A 204 14.45 -25.67 -2.53
N PRO A 205 15.23 -24.91 -1.75
CA PRO A 205 15.41 -23.49 -2.08
C PRO A 205 16.15 -23.34 -3.39
N VAL A 206 15.84 -22.27 -4.09
CA VAL A 206 16.47 -21.96 -5.36
C VAL A 206 17.46 -20.84 -5.11
N THR A 207 18.70 -21.01 -5.57
CA THR A 207 19.69 -19.94 -5.47
C THR A 207 20.08 -19.51 -6.89
N LYS A 208 20.02 -18.20 -7.12
CA LYS A 208 20.57 -17.65 -8.33
C LYS A 208 21.75 -16.77 -7.93
N SER A 209 22.85 -16.85 -8.71
CA SER A 209 24.05 -16.13 -8.29
C SER A 209 24.84 -15.67 -9.49
N PHE A 210 25.77 -14.77 -9.21
CA PHE A 210 26.78 -14.39 -10.19
C PHE A 210 28.07 -14.07 -9.47
N ASN A 211 29.18 -14.09 -10.24
CA ASN A 211 30.47 -13.70 -9.74
C ASN A 211 30.74 -12.30 -10.27
N ARG A 212 31.04 -11.37 -9.37
N ARG A 212 31.05 -11.37 -9.37
CA ARG A 212 31.33 -10.00 -9.80
CA ARG A 212 31.36 -10.01 -9.78
C ARG A 212 32.41 -10.00 -10.87
C ARG A 212 32.43 -9.99 -10.86
N GLY A 213 32.17 -9.25 -11.94
CA GLY A 213 33.16 -9.05 -12.97
C GLY A 213 33.30 -10.18 -13.98
N GLU A 214 32.43 -11.18 -13.95
CA GLU A 214 32.46 -12.25 -14.94
C GLU A 214 31.24 -12.18 -15.84
N GLU B 1 -26.44 13.16 -3.32
N GLU B 1 -26.79 13.31 -3.02
CA GLU B 1 -25.73 12.26 -2.41
CA GLU B 1 -25.94 12.37 -2.29
C GLU B 1 -24.80 13.08 -1.54
C GLU B 1 -24.86 13.11 -1.50
N VAL B 2 -24.45 12.54 -0.37
CA VAL B 2 -23.41 13.16 0.46
CA VAL B 2 -23.41 13.16 0.46
C VAL B 2 -22.07 13.05 -0.26
N GLN B 3 -21.36 14.17 -0.35
N GLN B 3 -21.38 14.18 -0.41
CA GLN B 3 -20.05 14.19 -0.97
CA GLN B 3 -20.04 14.15 -0.98
C GLN B 3 -19.10 14.95 -0.07
C GLN B 3 -19.13 14.91 -0.03
N LEU B 4 -17.96 14.35 0.22
N LEU B 4 -17.94 14.36 0.21
CA LEU B 4 -16.89 14.97 1.00
CA LEU B 4 -16.90 14.98 1.02
C LEU B 4 -15.73 15.17 0.06
C LEU B 4 -15.71 15.17 0.10
N VAL B 5 -15.32 16.42 -0.16
CA VAL B 5 -14.26 16.74 -1.16
C VAL B 5 -13.13 17.47 -0.44
N GLN B 6 -11.96 16.83 -0.45
CA GLN B 6 -10.82 17.35 0.31
C GLN B 6 -9.89 18.19 -0.54
N SER B 7 -9.09 18.98 0.15
CA SER B 7 -8.05 19.79 -0.46
C SER B 7 -6.90 18.91 -0.98
N GLY B 8 -6.03 19.52 -1.77
CA GLY B 8 -5.01 18.77 -2.50
C GLY B 8 -3.84 18.32 -1.65
N GLY B 9 -3.11 17.33 -2.19
CA GLY B 9 -1.95 16.79 -1.54
C GLY B 9 -0.79 17.80 -1.49
N GLU B 10 0.17 17.55 -0.58
CA GLU B 10 1.29 18.49 -0.43
C GLU B 10 2.49 17.77 0.15
N VAL B 11 3.69 18.27 -0.18
CA VAL B 11 4.90 17.92 0.57
C VAL B 11 5.08 18.98 1.64
N LYS B 12 5.31 18.55 2.89
CA LYS B 12 5.55 19.46 4.00
C LYS B 12 6.90 19.18 4.63
N ARG B 13 7.58 20.27 5.10
N ARG B 13 7.56 20.26 5.12
CA ARG B 13 8.88 20.07 5.72
CA ARG B 13 8.86 20.06 5.73
C ARG B 13 8.72 19.67 7.19
C ARG B 13 8.71 19.67 7.20
N PRO B 14 9.67 18.91 7.73
CA PRO B 14 9.59 18.56 9.16
C PRO B 14 9.57 19.83 10.01
N GLY B 15 8.68 19.85 11.00
CA GLY B 15 8.54 20.99 11.89
C GLY B 15 7.43 21.96 11.50
N SER B 16 6.89 21.83 10.30
CA SER B 16 5.85 22.71 9.77
C SER B 16 4.49 22.23 10.28
N SER B 17 3.46 23.03 9.97
CA SER B 17 2.08 22.64 10.22
CA SER B 17 2.08 22.65 10.23
C SER B 17 1.36 22.51 8.89
N VAL B 18 0.38 21.62 8.85
CA VAL B 18 -0.43 21.43 7.66
C VAL B 18 -1.90 21.62 8.01
N THR B 19 -2.64 22.25 7.09
CA THR B 19 -4.09 22.35 7.19
C THR B 19 -4.68 21.60 6.00
N VAL B 20 -5.62 20.70 6.29
CA VAL B 20 -6.40 19.99 5.27
C VAL B 20 -7.85 20.38 5.45
N SER B 21 -8.55 20.64 4.35
CA SER B 21 -9.96 20.99 4.40
C SER B 21 -10.82 19.91 3.74
N CYS B 22 -12.07 19.88 4.15
CA CYS B 22 -13.05 18.89 3.66
C CYS B 22 -14.39 19.59 3.50
N LYS B 23 -14.82 19.78 2.26
CA LYS B 23 -16.10 20.42 1.97
C LYS B 23 -17.15 19.31 1.88
N ALA B 24 -18.14 19.35 2.74
CA ALA B 24 -19.19 18.34 2.79
C ALA B 24 -20.46 18.94 2.19
N THR B 25 -21.04 18.25 1.21
CA THR B 25 -22.27 18.73 0.58
C THR B 25 -23.27 17.59 0.53
N GLY B 26 -24.56 17.96 0.57
CA GLY B 26 -25.59 17.02 0.24
C GLY B 26 -26.15 16.29 1.42
N GLY B 27 -25.82 16.70 2.63
CA GLY B 27 -26.36 15.96 3.75
C GLY B 27 -26.16 16.72 5.05
N THR B 28 -26.67 16.12 6.11
CA THR B 28 -26.60 16.72 7.44
C THR B 28 -25.15 17.07 7.76
N PHE B 29 -24.95 18.30 8.27
CA PHE B 29 -23.62 18.78 8.61
C PHE B 29 -23.44 19.05 10.09
N SER B 30 -24.26 19.91 10.69
CA SER B 30 -23.87 20.44 11.99
CA SER B 30 -23.81 20.41 11.98
C SER B 30 -24.13 19.48 13.14
N THR B 31 -25.08 18.55 12.99
CA THR B 31 -25.46 17.74 14.13
C THR B 31 -24.88 16.33 14.07
N LEU B 32 -23.90 16.11 13.18
CA LEU B 32 -23.22 14.83 13.09
C LEU B 32 -21.71 15.02 13.26
N ALA B 33 -21.03 13.93 13.62
CA ALA B 33 -19.58 13.98 13.77
C ALA B 33 -18.86 13.80 12.45
N PHE B 34 -17.89 14.68 12.20
CA PHE B 34 -16.90 14.49 11.16
C PHE B 34 -15.61 14.13 11.84
N ASN B 35 -14.93 13.13 11.31
CA ASN B 35 -13.72 12.58 11.90
C ASN B 35 -12.58 12.70 10.92
N TRP B 36 -11.38 12.81 11.45
CA TRP B 36 -10.20 12.68 10.61
C TRP B 36 -9.53 11.34 10.92
N VAL B 37 -9.22 10.59 9.85
CA VAL B 37 -8.59 9.27 9.95
C VAL B 37 -7.43 9.26 9.00
N ARG B 38 -6.27 8.78 9.44
CA ARG B 38 -5.11 8.77 8.54
C ARG B 38 -4.60 7.35 8.33
N GLN B 39 -3.88 7.17 7.24
CA GLN B 39 -3.38 5.84 6.91
C GLN B 39 -2.01 5.99 6.24
N ALA B 40 -1.00 5.54 6.93
CA ALA B 40 0.34 5.62 6.40
C ALA B 40 0.54 4.50 5.37
N PRO B 41 1.45 4.69 4.43
CA PRO B 41 1.69 3.64 3.43
C PRO B 41 1.93 2.25 4.04
N GLY B 42 1.13 1.28 3.60
CA GLY B 42 1.32 -0.06 4.07
C GLY B 42 0.68 -0.37 5.41
N GLN B 43 0.05 0.60 6.06
N GLN B 43 0.03 0.59 6.05
CA GLN B 43 -0.49 0.43 7.41
CA GLN B 43 -0.50 0.40 7.39
C GLN B 43 -2.02 0.52 7.36
C GLN B 43 -2.02 0.51 7.35
N GLY B 44 -2.65 0.26 8.50
CA GLY B 44 -4.11 0.34 8.60
C GLY B 44 -4.53 1.77 8.96
N PRO B 45 -5.84 2.05 8.87
CA PRO B 45 -6.36 3.39 9.27
C PRO B 45 -6.23 3.64 10.76
N GLU B 46 -6.04 4.90 11.10
CA GLU B 46 -5.96 5.33 12.49
C GLU B 46 -6.84 6.56 12.69
N TRP B 47 -7.80 6.47 13.63
CA TRP B 47 -8.62 7.64 13.97
C TRP B 47 -7.80 8.68 14.73
N MET B 48 -7.96 9.93 14.36
CA MET B 48 -7.23 11.02 15.00
C MET B 48 -8.11 11.87 15.90
N GLY B 49 -9.35 12.16 15.48
CA GLY B 49 -10.21 13.03 16.27
C GLY B 49 -11.45 13.33 15.49
N GLY B 50 -12.41 13.99 16.14
CA GLY B 50 -13.64 14.36 15.45
C GLY B 50 -14.24 15.64 16.00
N ILE B 51 -15.20 16.20 15.26
CA ILE B 51 -15.94 17.42 15.65
C ILE B 51 -17.39 17.23 15.32
N VAL B 52 -18.26 17.69 16.20
CA VAL B 52 -19.69 17.90 15.87
C VAL B 52 -19.86 19.40 15.65
N PRO B 53 -20.11 19.88 14.42
CA PRO B 53 -20.01 21.34 14.15
C PRO B 53 -20.96 22.25 14.91
N LEU B 54 -22.15 21.80 15.32
CA LEU B 54 -23.17 22.71 15.84
C LEU B 54 -22.61 23.71 16.86
N PHE B 55 -21.90 23.20 17.87
CA PHE B 55 -21.19 24.03 18.83
C PHE B 55 -19.71 23.68 18.89
N SER B 56 -19.22 23.03 17.86
CA SER B 56 -17.79 22.67 17.74
C SER B 56 -17.29 21.89 18.95
N ILE B 57 -18.06 20.88 19.36
CA ILE B 57 -17.57 19.95 20.36
C ILE B 57 -16.56 19.01 19.68
N VAL B 58 -15.35 18.92 20.23
CA VAL B 58 -14.32 18.10 19.61
C VAL B 58 -13.90 16.98 20.56
N ASN B 59 -13.30 15.93 19.99
CA ASN B 59 -12.73 14.83 20.74
C ASN B 59 -11.43 14.49 20.02
N TYR B 60 -10.29 14.57 20.68
CA TYR B 60 -9.00 14.32 20.07
C TYR B 60 -8.40 13.04 20.63
N GLY B 61 -7.86 12.19 19.73
CA GLY B 61 -7.09 11.09 20.21
C GLY B 61 -5.97 11.53 21.14
N GLN B 62 -5.74 10.77 22.21
CA GLN B 62 -4.80 11.22 23.23
CA GLN B 62 -4.79 11.21 23.23
C GLN B 62 -3.43 11.47 22.63
N LYS B 63 -3.01 10.63 21.68
CA LYS B 63 -1.67 10.80 21.13
C LYS B 63 -1.52 12.06 20.26
N PHE B 64 -2.61 12.72 19.88
CA PHE B 64 -2.54 13.92 19.05
C PHE B 64 -2.82 15.18 19.84
N GLN B 65 -3.20 15.07 21.09
CA GLN B 65 -3.56 16.27 21.85
C GLN B 65 -2.34 17.16 21.98
N GLY B 66 -2.55 18.45 21.79
CA GLY B 66 -1.46 19.39 21.75
C GLY B 66 -0.96 19.74 20.37
N ARG B 67 -1.13 18.85 19.38
CA ARG B 67 -0.66 19.12 17.99
C ARG B 67 -1.80 19.21 17.00
N LEU B 68 -2.97 18.71 17.35
CA LEU B 68 -4.12 18.59 16.47
C LEU B 68 -5.16 19.62 16.83
N THR B 69 -5.69 20.29 15.82
CA THR B 69 -6.89 21.11 15.95
C THR B 69 -7.89 20.66 14.89
N ILE B 70 -9.15 20.56 15.26
CA ILE B 70 -10.22 20.30 14.29
C ILE B 70 -11.21 21.45 14.40
N ARG B 71 -11.62 22.01 13.25
CA ARG B 71 -12.52 23.14 13.18
C ARG B 71 -13.60 22.89 12.15
N ALA B 72 -14.65 23.69 12.20
CA ALA B 72 -15.74 23.54 11.26
C ALA B 72 -16.39 24.88 11.02
N ASP B 73 -16.78 25.11 9.77
N ASP B 73 -16.76 25.11 9.76
CA ASP B 73 -17.54 26.29 9.36
CA ASP B 73 -17.37 26.36 9.31
C ASP B 73 -18.93 25.84 8.93
C ASP B 73 -18.75 26.03 8.76
N LYS B 74 -19.97 26.35 9.62
N LYS B 74 -19.80 26.31 9.55
CA LYS B 74 -21.32 25.88 9.31
CA LYS B 74 -21.14 25.81 9.23
C LYS B 74 -21.89 26.55 8.06
C LYS B 74 -21.68 26.47 7.96
N SER B 75 -21.49 27.79 7.76
N SER B 75 -21.46 27.78 7.78
CA SER B 75 -22.04 28.47 6.60
CA SER B 75 -22.01 28.45 6.62
C SER B 75 -21.52 27.91 5.28
C SER B 75 -21.54 27.80 5.32
N THR B 76 -20.27 27.41 5.25
CA THR B 76 -19.66 26.79 4.07
C THR B 76 -19.51 25.27 4.20
N THR B 77 -20.16 24.67 5.18
CA THR B 77 -20.15 23.21 5.42
C THR B 77 -18.79 22.56 5.20
N THR B 78 -17.76 23.14 5.81
CA THR B 78 -16.39 22.68 5.63
C THR B 78 -15.78 22.33 6.98
N VAL B 79 -14.95 21.30 6.99
N VAL B 79 -15.07 21.22 7.07
CA VAL B 79 -14.27 20.81 8.17
CA VAL B 79 -14.30 20.88 8.27
C VAL B 79 -12.77 20.89 7.93
C VAL B 79 -12.82 20.99 7.94
N PHE B 80 -12.02 21.20 8.98
CA PHE B 80 -10.57 21.42 8.84
C PHE B 80 -9.81 20.60 9.85
N LEU B 81 -8.65 20.11 9.42
N LEU B 81 -8.61 20.21 9.42
CA LEU B 81 -7.66 19.56 10.33
CA LEU B 81 -7.62 19.53 10.23
C LEU B 81 -6.43 20.45 10.26
C LEU B 81 -6.36 20.39 10.23
N ASP B 82 -5.89 20.80 11.41
CA ASP B 82 -4.58 21.45 11.50
C ASP B 82 -3.68 20.54 12.35
N LEU B 83 -2.51 20.21 11.83
CA LEU B 83 -1.59 19.31 12.54
C LEU B 83 -0.22 19.95 12.51
N SER B 84 0.30 20.28 13.72
CA SER B 84 1.57 20.99 13.83
C SER B 84 2.70 20.00 14.18
N GLY B 85 3.91 20.52 14.18
CA GLY B 85 5.06 19.71 14.58
C GLY B 85 5.28 18.49 13.70
N LEU B 86 5.15 18.64 12.39
CA LEU B 86 5.15 17.47 11.53
C LEU B 86 6.50 16.75 11.57
N THR B 87 6.46 15.43 11.47
CA THR B 87 7.63 14.58 11.29
C THR B 87 7.29 13.51 10.25
N SER B 88 8.32 12.75 9.85
CA SER B 88 8.08 11.72 8.86
C SER B 88 7.05 10.70 9.33
N ALA B 89 6.81 10.56 10.66
CA ALA B 89 5.76 9.67 11.13
C ALA B 89 4.37 10.19 10.79
N ASP B 90 4.26 11.42 10.31
CA ASP B 90 2.98 11.98 9.89
C ASP B 90 2.72 11.84 8.39
N THR B 91 3.66 11.24 7.63
CA THR B 91 3.39 10.96 6.21
C THR B 91 2.26 9.94 6.09
N ALA B 92 1.18 10.32 5.42
CA ALA B 92 0.01 9.45 5.36
C ALA B 92 -0.98 10.06 4.38
N THR B 93 -1.98 9.25 3.99
CA THR B 93 -3.19 9.83 3.41
C THR B 93 -4.16 10.15 4.54
N TYR B 94 -4.68 11.37 4.53
CA TYR B 94 -5.59 11.87 5.56
C TYR B 94 -6.98 11.88 4.96
N TYR B 95 -7.95 11.29 5.69
CA TYR B 95 -9.33 11.28 5.22
C TYR B 95 -10.24 11.95 6.22
N CYS B 96 -11.20 12.70 5.68
CA CYS B 96 -12.35 13.09 6.50
CA CYS B 96 -12.36 13.13 6.46
C CYS B 96 -13.47 12.08 6.32
N ALA B 97 -14.14 11.76 7.42
CA ALA B 97 -15.18 10.76 7.38
C ALA B 97 -16.31 11.22 8.27
N ARG B 98 -17.54 11.14 7.75
CA ARG B 98 -18.72 11.55 8.50
C ARG B 98 -19.46 10.34 9.00
N GLU B 99 -20.01 10.44 10.21
CA GLU B 99 -20.80 9.31 10.72
C GLU B 99 -22.08 9.15 9.89
N GLY B 100 -22.59 7.93 9.91
CA GLY B 100 -23.86 7.67 9.26
C GLY B 100 -25.03 8.14 10.10
N GLU B 101 -26.20 8.12 9.48
CA GLU B 101 -27.45 8.44 10.14
C GLU B 101 -28.38 7.24 10.06
N GLY B 102 -28.97 6.90 11.18
CA GLY B 102 -29.80 5.72 11.20
C GLY B 102 -31.27 6.02 11.35
N TRP B 103 -31.94 5.26 12.21
CA TRP B 103 -33.38 5.33 12.37
C TRP B 103 -33.81 6.71 12.75
N PHE B 104 -34.59 7.34 11.85
CA PHE B 104 -35.03 8.72 12.03
C PHE B 104 -33.87 9.61 12.43
N GLY B 105 -32.76 9.41 11.75
CA GLY B 105 -31.59 10.28 11.84
C GLY B 105 -30.60 9.96 12.94
N LYS B 106 -30.81 8.89 13.71
CA LYS B 106 -29.94 8.60 14.86
C LYS B 106 -28.47 8.55 14.47
N PRO B 107 -27.59 9.26 15.16
CA PRO B 107 -26.16 9.20 14.78
C PRO B 107 -25.63 7.80 15.03
N LEU B 108 -24.94 7.26 14.03
CA LEU B 108 -24.45 5.88 14.12
C LEU B 108 -23.02 5.74 14.60
N ARG B 109 -22.27 6.82 14.68
CA ARG B 109 -20.86 6.81 15.07
C ARG B 109 -19.93 6.16 14.04
N ALA B 110 -20.31 5.02 13.45
CA ALA B 110 -19.48 4.41 12.39
C ALA B 110 -19.35 5.36 11.21
N PHE B 111 -18.23 5.22 10.49
CA PHE B 111 -17.82 6.17 9.46
C PHE B 111 -18.41 5.77 8.10
N GLU B 112 -19.49 6.41 7.73
CA GLU B 112 -20.21 5.97 6.53
C GLU B 112 -19.79 6.70 5.26
N PHE B 113 -19.44 7.97 5.35
CA PHE B 113 -19.11 8.77 4.18
C PHE B 113 -17.69 9.25 4.30
N TRP B 114 -16.92 9.08 3.24
CA TRP B 114 -15.50 9.41 3.26
C TRP B 114 -15.12 10.37 2.15
N GLY B 115 -14.21 11.31 2.48
CA GLY B 115 -13.56 12.08 1.45
C GLY B 115 -12.64 11.22 0.61
N GLN B 116 -12.10 11.83 -0.45
CA GLN B 116 -11.22 11.09 -1.35
C GLN B 116 -9.81 10.94 -0.81
N GLY B 117 -9.48 11.65 0.26
CA GLY B 117 -8.16 11.57 0.84
C GLY B 117 -7.24 12.67 0.35
N THR B 118 -6.32 13.09 1.24
CA THR B 118 -5.30 14.07 0.93
C THR B 118 -3.96 13.46 1.27
N VAL B 119 -3.07 13.35 0.28
CA VAL B 119 -1.77 12.70 0.51
C VAL B 119 -0.79 13.73 1.02
N ILE B 120 -0.31 13.53 2.24
CA ILE B 120 0.68 14.44 2.83
C ILE B 120 1.99 13.67 2.98
N THR B 121 3.07 14.24 2.44
CA THR B 121 4.39 13.64 2.58
C THR B 121 5.26 14.61 3.36
N VAL B 122 5.80 14.16 4.49
CA VAL B 122 6.66 15.01 5.33
C VAL B 122 8.10 14.62 5.06
N SER B 123 8.87 15.56 4.51
CA SER B 123 10.22 15.23 4.09
C SER B 123 11.00 16.51 3.93
N SER B 124 12.33 16.40 4.14
N SER B 124 12.32 16.41 4.12
CA SER B 124 13.27 17.48 3.82
CA SER B 124 13.19 17.54 3.78
C SER B 124 13.84 17.40 2.40
C SER B 124 13.79 17.43 2.39
N ALA B 125 13.49 16.36 1.65
CA ALA B 125 14.07 16.17 0.33
C ALA B 125 13.59 17.21 -0.68
N SER B 126 14.49 17.57 -1.60
N SER B 126 14.48 17.56 -1.62
CA SER B 126 14.12 18.42 -2.73
CA SER B 126 14.13 18.44 -2.72
C SER B 126 13.64 17.55 -3.89
C SER B 126 13.73 17.59 -3.93
N THR B 127 12.82 18.14 -4.75
CA THR B 127 12.38 17.45 -5.97
C THR B 127 13.57 17.05 -6.82
N LYS B 128 13.61 15.79 -7.20
CA LYS B 128 14.77 15.22 -7.88
C LYS B 128 14.33 14.09 -8.81
N GLY B 129 14.74 14.16 -10.09
CA GLY B 129 14.41 13.11 -11.02
C GLY B 129 15.29 11.88 -10.81
N PRO B 130 14.83 10.72 -11.31
CA PRO B 130 15.52 9.44 -11.09
C PRO B 130 16.68 9.22 -12.03
N SER B 131 17.66 8.49 -11.55
N SER B 131 17.62 8.41 -11.55
CA SER B 131 18.51 7.84 -12.52
CA SER B 131 18.60 7.72 -12.40
C SER B 131 17.83 6.54 -12.95
C SER B 131 18.00 6.40 -12.86
N VAL B 132 18.16 6.07 -14.14
CA VAL B 132 17.55 4.83 -14.66
C VAL B 132 18.67 3.89 -15.09
N PHE B 133 18.72 2.72 -14.47
CA PHE B 133 19.77 1.76 -14.77
C PHE B 133 19.15 0.48 -15.35
N PRO B 134 19.85 -0.21 -16.24
CA PRO B 134 19.29 -1.43 -16.81
C PRO B 134 19.39 -2.60 -15.86
N LEU B 135 18.41 -3.48 -15.95
CA LEU B 135 18.42 -4.81 -15.34
C LEU B 135 18.55 -5.71 -16.55
N ALA B 136 19.77 -6.10 -16.83
CA ALA B 136 19.97 -6.65 -18.16
C ALA B 136 19.65 -8.16 -18.17
N PRO B 137 19.10 -8.67 -19.28
CA PRO B 137 18.75 -10.09 -19.31
C PRO B 137 19.98 -11.00 -19.26
N SER B 138 19.86 -12.07 -18.46
CA SER B 138 20.96 -13.01 -18.25
C SER B 138 21.34 -13.63 -19.59
N SER B 139 22.64 -13.89 -19.76
CA SER B 139 23.06 -14.73 -20.88
C SER B 139 22.57 -16.16 -20.66
N LYS B 140 22.76 -16.68 -19.44
CA LYS B 140 22.36 -18.03 -19.06
C LYS B 140 20.86 -18.21 -19.23
N GLY B 145 12.95 -20.79 -23.94
CA GLY B 145 12.63 -20.39 -22.59
C GLY B 145 12.26 -18.91 -22.47
N THR B 146 12.23 -18.44 -21.23
CA THR B 146 11.80 -17.09 -20.90
C THR B 146 12.97 -16.35 -20.28
N ALA B 147 13.10 -15.06 -20.63
CA ALA B 147 14.10 -14.18 -20.05
C ALA B 147 13.41 -13.05 -19.31
N ALA B 148 14.08 -12.52 -18.31
CA ALA B 148 13.58 -11.35 -17.59
C ALA B 148 14.54 -10.18 -17.79
N LEU B 149 13.99 -8.99 -18.01
CA LEU B 149 14.80 -7.77 -18.12
C LEU B 149 14.03 -6.63 -17.47
N GLY B 150 14.69 -5.48 -17.25
CA GLY B 150 13.97 -4.47 -16.51
C GLY B 150 14.75 -3.20 -16.42
N CYS B 151 14.20 -2.26 -15.66
CA CYS B 151 14.88 -1.00 -15.36
CA CYS B 151 14.98 -1.09 -15.32
C CYS B 151 14.76 -0.71 -13.87
N LEU B 152 15.85 -0.24 -13.29
CA LEU B 152 15.85 0.19 -11.90
C LEU B 152 15.77 1.72 -11.91
N VAL B 153 14.74 2.26 -11.28
CA VAL B 153 14.45 3.69 -11.32
C VAL B 153 14.75 4.24 -9.94
N LYS B 154 15.93 4.84 -9.78
CA LYS B 154 16.46 5.06 -8.45
C LYS B 154 16.61 6.52 -8.09
N ASP B 155 16.36 6.84 -6.83
CA ASP B 155 16.73 8.11 -6.22
C ASP B 155 15.91 9.27 -6.76
N TYR B 156 14.59 9.18 -6.63
CA TYR B 156 13.75 10.31 -7.04
C TYR B 156 12.89 10.79 -5.87
N PHE B 157 12.37 12.00 -6.03
CA PHE B 157 11.47 12.56 -5.00
C PHE B 157 10.67 13.69 -5.64
N PRO B 158 9.37 13.85 -5.34
CA PRO B 158 8.53 12.91 -4.59
C PRO B 158 7.97 11.82 -5.50
N GLU B 159 7.07 11.00 -4.97
CA GLU B 159 6.35 10.08 -5.83
C GLU B 159 5.43 10.90 -6.72
N PRO B 160 5.01 10.37 -7.84
CA PRO B 160 5.30 9.05 -8.44
C PRO B 160 6.17 9.14 -9.68
N VAL B 161 6.60 7.98 -10.12
CA VAL B 161 7.16 7.76 -11.45
CA VAL B 161 7.12 7.82 -11.47
C VAL B 161 6.19 6.85 -12.19
N THR B 162 6.15 6.99 -13.50
CA THR B 162 5.43 6.00 -14.29
C THR B 162 6.41 5.37 -15.25
N VAL B 163 6.18 4.10 -15.56
CA VAL B 163 7.06 3.38 -16.48
C VAL B 163 6.19 2.73 -17.55
N SER B 164 6.60 2.86 -18.80
CA SER B 164 6.02 2.03 -19.84
C SER B 164 7.15 1.34 -20.55
N TRP B 165 6.78 0.38 -21.39
CA TRP B 165 7.76 -0.34 -22.19
C TRP B 165 7.43 -0.19 -23.67
N ASN B 166 8.46 0.08 -24.48
CA ASN B 166 8.30 0.27 -25.93
C ASN B 166 7.15 1.22 -26.27
N SER B 167 7.08 2.34 -25.51
CA SER B 167 6.11 3.41 -25.74
C SER B 167 4.66 2.92 -25.60
N GLY B 168 4.43 1.92 -24.76
CA GLY B 168 3.10 1.36 -24.56
C GLY B 168 2.84 0.10 -25.35
N ALA B 169 3.67 -0.21 -26.33
CA ALA B 169 3.43 -1.36 -27.19
C ALA B 169 3.61 -2.68 -26.47
N LEU B 170 4.41 -2.70 -25.40
CA LEU B 170 4.66 -3.93 -24.65
C LEU B 170 4.00 -3.77 -23.30
N THR B 171 2.98 -4.60 -23.03
CA THR B 171 2.27 -4.57 -21.76
C THR B 171 2.19 -5.96 -21.14
N SER B 172 2.17 -7.00 -21.96
N SER B 172 2.15 -7.00 -21.95
CA SER B 172 2.12 -8.36 -21.46
CA SER B 172 2.06 -8.36 -21.45
C SER B 172 3.36 -8.70 -20.67
C SER B 172 3.33 -8.73 -20.70
N GLY B 173 3.17 -9.26 -19.48
CA GLY B 173 4.29 -9.71 -18.67
C GLY B 173 5.04 -8.60 -17.94
N VAL B 174 4.57 -7.37 -18.02
CA VAL B 174 5.23 -6.27 -17.30
C VAL B 174 4.81 -6.29 -15.84
N HIS B 175 5.77 -6.13 -14.92
CA HIS B 175 5.45 -5.82 -13.53
C HIS B 175 6.21 -4.57 -13.10
N THR B 176 5.47 -3.53 -12.73
CA THR B 176 6.11 -2.34 -12.18
C THR B 176 5.82 -2.32 -10.69
N PHE B 177 6.86 -2.43 -9.88
CA PHE B 177 6.69 -2.66 -8.47
C PHE B 177 6.38 -1.37 -7.72
N PRO B 178 5.73 -1.46 -6.55
CA PRO B 178 5.61 -0.27 -5.69
C PRO B 178 6.98 0.24 -5.32
N ALA B 179 7.06 1.57 -5.20
CA ALA B 179 8.30 2.18 -4.77
C ALA B 179 8.59 1.84 -3.31
N VAL B 180 9.87 1.90 -2.99
CA VAL B 180 10.31 1.86 -1.60
C VAL B 180 10.95 3.18 -1.28
N LEU B 181 10.80 3.61 -0.04
CA LEU B 181 11.48 4.81 0.43
C LEU B 181 12.78 4.37 1.07
N GLN B 182 13.89 4.87 0.55
CA GLN B 182 15.20 4.51 1.06
C GLN B 182 15.56 5.39 2.26
N SER B 183 16.59 4.95 3.00
CA SER B 183 17.00 5.73 4.18
C SER B 183 17.52 7.12 3.81
N SER B 184 17.89 7.34 2.55
CA SER B 184 18.27 8.67 2.10
C SER B 184 17.08 9.60 1.97
N GLY B 185 15.85 9.09 2.10
CA GLY B 185 14.67 9.92 1.83
C GLY B 185 14.26 9.97 0.40
N LEU B 186 14.93 9.24 -0.49
CA LEU B 186 14.56 9.22 -1.89
C LEU B 186 13.91 7.87 -2.19
N TYR B 187 13.04 7.84 -3.18
CA TYR B 187 12.37 6.61 -3.55
C TYR B 187 13.13 5.84 -4.61
N SER B 188 12.78 4.56 -4.72
CA SER B 188 13.33 3.72 -5.80
CA SER B 188 13.31 3.72 -5.80
C SER B 188 12.30 2.65 -6.17
N LEU B 189 12.28 2.31 -7.43
CA LEU B 189 11.40 1.23 -7.88
C LEU B 189 12.01 0.50 -9.04
N SER B 190 11.57 -0.73 -9.25
CA SER B 190 11.94 -1.47 -10.46
CA SER B 190 11.94 -1.45 -10.46
C SER B 190 10.72 -1.77 -11.31
N SER B 191 10.96 -1.89 -12.60
CA SER B 191 9.95 -2.35 -13.56
C SER B 191 10.60 -3.48 -14.36
N VAL B 192 9.93 -4.62 -14.47
CA VAL B 192 10.52 -5.75 -15.18
C VAL B 192 9.52 -6.26 -16.22
N VAL B 193 10.03 -7.05 -17.15
CA VAL B 193 9.16 -7.72 -18.10
C VAL B 193 9.80 -9.06 -18.41
N THR B 194 8.98 -10.07 -18.58
CA THR B 194 9.47 -11.35 -19.07
C THR B 194 9.12 -11.49 -20.55
N VAL B 195 10.04 -12.00 -21.35
CA VAL B 195 9.88 -12.08 -22.82
C VAL B 195 10.52 -13.38 -23.29
N PRO B 196 10.20 -13.81 -24.52
CA PRO B 196 10.87 -15.01 -25.07
C PRO B 196 12.37 -14.78 -25.18
N SER B 197 13.15 -15.72 -24.66
CA SER B 197 14.60 -15.68 -24.83
C SER B 197 14.97 -15.51 -26.29
N SER B 198 14.23 -16.17 -27.18
CA SER B 198 14.51 -16.06 -28.61
C SER B 198 14.32 -14.65 -29.17
N SER B 199 13.70 -13.73 -28.43
CA SER B 199 13.51 -12.38 -28.95
C SER B 199 14.66 -11.44 -28.60
N LEU B 200 15.59 -11.86 -27.73
CA LEU B 200 16.61 -10.95 -27.22
C LEU B 200 17.55 -10.44 -28.30
N GLY B 201 17.72 -11.19 -29.39
CA GLY B 201 18.63 -10.75 -30.43
C GLY B 201 17.97 -9.85 -31.45
N THR B 202 16.64 -9.93 -31.55
CA THR B 202 15.91 -9.24 -32.61
C THR B 202 14.99 -8.15 -32.13
N GLN B 203 14.52 -8.20 -30.88
CA GLN B 203 13.55 -7.24 -30.39
C GLN B 203 14.26 -6.24 -29.47
N THR B 204 14.12 -4.96 -29.79
N THR B 204 14.12 -4.96 -29.76
CA THR B 204 14.59 -3.89 -28.93
CA THR B 204 14.68 -3.95 -28.89
C THR B 204 13.62 -3.70 -27.77
C THR B 204 13.68 -3.59 -27.79
N TYR B 205 14.17 -3.50 -26.56
CA TYR B 205 13.37 -3.21 -25.38
C TYR B 205 13.82 -1.91 -24.76
N ILE B 206 12.89 -0.96 -24.63
N ILE B 206 12.88 -0.97 -24.63
CA ILE B 206 13.17 0.37 -24.08
CA ILE B 206 13.14 0.34 -24.08
C ILE B 206 12.17 0.66 -22.97
C ILE B 206 12.16 0.56 -22.93
N CYS B 207 12.67 0.99 -21.78
CA CYS B 207 11.77 1.45 -20.73
CA CYS B 207 11.76 1.44 -20.73
C CYS B 207 11.65 2.96 -20.79
N ASN B 208 10.43 3.45 -20.69
CA ASN B 208 10.14 4.88 -20.77
C ASN B 208 9.72 5.30 -19.38
N VAL B 209 10.55 6.14 -18.74
CA VAL B 209 10.32 6.55 -17.38
C VAL B 209 9.93 8.02 -17.40
N ASN B 210 8.91 8.36 -16.63
CA ASN B 210 8.47 9.76 -16.52
C ASN B 210 8.37 10.12 -15.05
N HIS B 211 9.05 11.20 -14.68
CA HIS B 211 8.90 11.81 -13.35
C HIS B 211 8.42 13.24 -13.53
N LYS B 212 7.11 13.39 -13.49
CA LYS B 212 6.52 14.71 -13.76
C LYS B 212 6.98 15.83 -12.82
N PRO B 213 7.17 15.59 -11.52
CA PRO B 213 7.57 16.72 -10.65
C PRO B 213 8.85 17.38 -11.07
N SER B 214 9.80 16.65 -11.67
CA SER B 214 11.06 17.22 -12.16
C SER B 214 11.09 17.38 -13.66
N ASN B 215 9.95 17.16 -14.33
CA ASN B 215 9.87 17.25 -15.78
C ASN B 215 10.88 16.34 -16.47
N THR B 216 11.18 15.18 -15.86
N THR B 216 11.14 15.15 -15.91
CA THR B 216 12.22 14.29 -16.38
CA THR B 216 12.22 14.35 -16.46
C THR B 216 11.54 13.16 -17.16
C THR B 216 11.71 13.08 -17.09
N LYS B 217 12.02 12.92 -18.37
CA LYS B 217 11.70 11.72 -19.11
C LYS B 217 13.00 11.03 -19.52
N VAL B 218 13.05 9.73 -19.32
CA VAL B 218 14.23 8.94 -19.67
C VAL B 218 13.75 7.73 -20.45
N ASP B 219 14.39 7.46 -21.57
CA ASP B 219 14.12 6.22 -22.30
C ASP B 219 15.40 5.44 -22.22
N LYS B 220 15.36 4.27 -21.60
CA LYS B 220 16.58 3.49 -21.44
C LYS B 220 16.48 2.20 -22.24
N LYS B 221 17.38 2.02 -23.21
CA LYS B 221 17.47 0.74 -23.90
C LYS B 221 18.06 -0.35 -23.00
N VAL B 222 17.41 -1.52 -22.93
CA VAL B 222 17.87 -2.60 -22.07
C VAL B 222 18.25 -3.76 -22.96
N GLU B 223 19.51 -4.16 -22.92
CA GLU B 223 19.94 -5.18 -23.86
C GLU B 223 20.81 -6.17 -23.12
N PRO B 224 20.99 -7.38 -23.68
CA PRO B 224 21.91 -8.34 -23.04
C PRO B 224 23.26 -7.70 -22.90
N LYS B 225 23.93 -7.96 -21.79
CA LYS B 225 25.22 -7.32 -21.57
C LYS B 225 26.29 -8.00 -22.43
N SER B 226 27.10 -7.21 -23.12
CA SER B 226 28.07 -7.78 -24.04
C SER B 226 29.18 -8.50 -23.28
N CYS B 227 29.63 -9.63 -23.84
CA CYS B 227 30.77 -10.40 -23.35
C CYS B 227 30.56 -11.28 -22.12
#